data_8IT7
#
_entry.id   8IT7
#
_cell.length_a   82.194
_cell.length_b   85.593
_cell.length_c   101.304
_cell.angle_alpha   90.00
_cell.angle_beta   90.00
_cell.angle_gamma   90.00
#
_symmetry.space_group_name_H-M   'P 21 21 21'
#
loop_
_entity.id
_entity.type
_entity.pdbx_description
1 polymer 'Phosphoglycerate mutase 1'
2 non-polymer 'CHLORIDE ION'
3 non-polymer '2-(N-MORPHOLINO)-ETHANESULFONIC ACID'
4 non-polymer '4-(4-chlorophenyl)-2-oxidanyl-6-[(4-phenylphenyl)sulfonylamino]benzoic acid'
#
_entity_poly.entity_id   1
_entity_poly.type   'polypeptide(L)'
_entity_poly.pdbx_seq_one_letter_code
;MAAYKLVLIRHGESAWNLENRFSGWYDADLSPAGHEEAKRGGQALRDAGYEFDICFTSVQKRAIRTLWTVLDAIDQMWLP
VVRTWRLNERHYGGLTGLNKAETAAKHGEAQVKIWRRSYDVPPPPMEPDHPFYSNISKDRRYADLTEDQLPSCESLKDTI
ARALPFWNEEIVPQIKEGKRVLIAAHGNSLRGIVKHLEGLSEEAIMELNLPTGIPIVYELDKNLKPIKPMQFLGDEETVR
KAMEAVAAQGKAKKLEHHHHHH
;
_entity_poly.pdbx_strand_id   B,C
#
# COMPACT_ATOMS: atom_id res chain seq x y z
N ALA A 3 -26.86 -1.85 -9.05
CA ALA A 3 -26.68 -0.99 -7.88
C ALA A 3 -25.25 -1.15 -7.35
N TYR A 4 -24.46 -0.09 -7.48
CA TYR A 4 -23.08 -0.11 -7.02
C TYR A 4 -22.95 0.55 -5.66
N LYS A 5 -21.88 0.16 -4.94
CA LYS A 5 -21.54 0.77 -3.66
C LYS A 5 -20.19 1.46 -3.74
N LEU A 6 -20.14 2.73 -3.31
CA LEU A 6 -18.90 3.50 -3.31
C LEU A 6 -18.70 4.12 -1.95
N VAL A 7 -17.49 4.00 -1.40
CA VAL A 7 -17.16 4.56 -0.09
C VAL A 7 -16.05 5.57 -0.24
N LEU A 8 -16.25 6.73 0.37
CA LEU A 8 -15.24 7.75 0.54
C LEU A 8 -14.83 7.78 2.00
N ILE A 9 -13.57 8.08 2.26
CA ILE A 9 -13.19 8.47 3.61
C ILE A 9 -12.25 9.67 3.53
N ARG A 10 -12.41 10.58 4.48
CA ARG A 10 -11.61 11.79 4.53
C ARG A 10 -10.77 11.71 5.79
N HIS A 11 -9.48 11.94 5.64
CA HIS A 11 -8.59 11.81 6.76
C HIS A 11 -8.87 12.87 7.82
N GLY A 12 -8.61 12.51 9.05
CA GLY A 12 -8.77 13.40 10.16
C GLY A 12 -7.50 14.17 10.42
N GLU A 13 -7.32 14.53 11.69
CA GLU A 13 -6.40 15.58 12.09
C GLU A 13 -4.96 15.24 11.72
N SER A 14 -4.24 16.23 11.22
CA SER A 14 -2.81 16.08 10.96
C SER A 14 -2.00 16.75 12.07
N ALA A 15 -0.68 16.65 11.96
CA ALA A 15 0.22 17.03 13.03
C ALA A 15 0.44 18.53 13.02
N TRP A 16 0.93 19.02 14.16
CA TRP A 16 1.20 20.44 14.34
C TRP A 16 0.00 21.32 13.98
N ASN A 17 -1.22 20.80 14.12
CA ASN A 17 -2.42 21.58 13.84
C ASN A 17 -2.45 22.05 12.38
N LEU A 18 -1.79 21.31 11.49
CA LEU A 18 -1.67 21.83 10.15
C LEU A 18 -3.02 21.86 9.43
N GLU A 19 -3.99 21.04 9.82
CA GLU A 19 -5.23 21.11 9.06
C GLU A 19 -5.94 22.43 9.29
N ASN A 20 -5.48 23.22 10.26
CA ASN A 20 -5.96 24.57 10.41
C ASN A 20 -4.92 25.57 9.93
N ARG A 21 -3.91 25.10 9.17
CA ARG A 21 -2.81 25.91 8.67
C ARG A 21 -2.57 25.63 7.20
N PHE A 22 -3.65 25.35 6.45
CA PHE A 22 -3.57 25.22 5.00
C PHE A 22 -2.54 24.17 4.62
N SER A 23 -2.58 23.03 5.32
CA SER A 23 -1.70 21.90 5.03
C SER A 23 -1.44 21.78 3.52
N GLY A 24 -2.49 21.81 2.70
CA GLY A 24 -2.28 21.87 1.26
C GLY A 24 -1.49 20.68 0.73
N TRP A 25 -0.49 20.96 -0.10
CA TRP A 25 0.43 19.94 -0.63
C TRP A 25 1.62 19.67 0.27
N TYR A 26 1.65 20.23 1.48
CA TYR A 26 2.69 19.83 2.40
C TYR A 26 2.31 18.47 2.96
N ASP A 27 3.26 17.54 2.96
CA ASP A 27 2.98 16.14 3.30
C ASP A 27 3.05 15.93 4.81
N ALA A 28 2.07 16.50 5.51
CA ALA A 28 1.97 16.32 6.95
C ALA A 28 1.40 14.94 7.27
N ASP A 29 1.95 14.34 8.34
CA ASP A 29 1.46 13.07 8.86
C ASP A 29 0.24 13.27 9.75
N LEU A 30 -0.43 12.16 10.09
CA LEU A 30 -1.54 12.31 11.03
C LEU A 30 -1.00 12.58 12.42
N SER A 31 -1.81 13.24 13.23
CA SER A 31 -1.59 13.29 14.66
C SER A 31 -2.03 11.97 15.27
N PRO A 32 -1.68 11.70 16.52
CA PRO A 32 -2.27 10.52 17.18
C PRO A 32 -3.79 10.55 17.15
N ALA A 33 -4.39 11.73 17.29
CA ALA A 33 -5.85 11.84 17.16
C ALA A 33 -6.30 11.37 15.80
N GLY A 34 -5.64 11.83 14.73
CA GLY A 34 -6.15 11.56 13.39
C GLY A 34 -6.02 10.10 13.03
N HIS A 35 -4.95 9.48 13.52
CA HIS A 35 -4.84 8.03 13.48
C HIS A 35 -6.03 7.38 14.18
N GLU A 36 -6.27 7.75 15.45
CA GLU A 36 -7.43 7.22 16.17
C GLU A 36 -8.69 7.33 15.34
N GLU A 37 -8.95 8.53 14.83
CA GLU A 37 -10.11 8.77 13.98
C GLU A 37 -10.19 7.72 12.87
N ALA A 38 -9.06 7.47 12.20
CA ALA A 38 -9.08 6.51 11.10
C ALA A 38 -9.37 5.10 11.60
N LYS A 39 -8.80 4.74 12.76
CA LYS A 39 -9.13 3.45 13.37
C LYS A 39 -10.63 3.31 13.55
N ARG A 40 -11.27 4.37 14.08
CA ARG A 40 -12.72 4.32 14.29
C ARG A 40 -13.44 4.09 12.97
N GLY A 41 -13.03 4.81 11.93
CA GLY A 41 -13.66 4.59 10.62
C GLY A 41 -13.49 3.16 10.16
N GLY A 42 -12.30 2.60 10.38
CA GLY A 42 -12.10 1.21 10.04
C GLY A 42 -13.05 0.30 10.80
N GLN A 43 -13.09 0.47 12.12
CA GLN A 43 -13.98 -0.32 12.95
C GLN A 43 -15.40 -0.26 12.40
N ALA A 44 -15.94 0.95 12.25
CA ALA A 44 -17.23 1.10 11.59
C ALA A 44 -17.29 0.16 10.37
N LEU A 45 -16.33 0.27 9.47
CA LEU A 45 -16.42 -0.53 8.25
C LEU A 45 -16.42 -2.03 8.56
N ARG A 46 -15.65 -2.45 9.56
CA ARG A 46 -15.56 -3.87 9.92
C ARG A 46 -16.89 -4.36 10.47
N ASP A 47 -17.38 -3.72 11.53
CA ASP A 47 -18.70 -4.01 12.10
C ASP A 47 -19.77 -4.19 11.02
N ALA A 48 -19.78 -3.31 10.03
CA ALA A 48 -20.76 -3.36 8.96
C ALA A 48 -20.45 -4.43 7.94
N GLY A 49 -19.34 -5.16 8.09
CA GLY A 49 -19.02 -6.24 7.17
C GLY A 49 -18.71 -5.84 5.74
N TYR A 50 -18.15 -4.65 5.52
CA TYR A 50 -17.90 -4.19 4.15
C TYR A 50 -16.73 -4.95 3.49
N GLU A 51 -16.79 -5.03 2.16
CA GLU A 51 -15.71 -5.62 1.37
C GLU A 51 -15.44 -4.72 0.16
N PHE A 52 -14.17 -4.63 -0.23
CA PHE A 52 -13.76 -3.76 -1.32
C PHE A 52 -12.94 -4.58 -2.30
N ASP A 53 -12.79 -4.06 -3.51
CA ASP A 53 -11.96 -4.74 -4.49
C ASP A 53 -10.81 -3.90 -5.02
N ILE A 54 -10.84 -2.58 -4.79
CA ILE A 54 -9.71 -1.74 -5.16
C ILE A 54 -9.79 -0.48 -4.30
N CYS A 55 -8.64 0.16 -4.11
CA CYS A 55 -8.54 1.34 -3.26
C CYS A 55 -7.78 2.41 -3.99
N PHE A 56 -8.28 3.64 -3.89
CA PHE A 56 -7.61 4.77 -4.52
C PHE A 56 -7.29 5.80 -3.46
N THR A 57 -6.10 6.36 -3.54
CA THR A 57 -5.67 7.36 -2.57
C THR A 57 -4.74 8.37 -3.22
N SER A 58 -4.37 9.39 -2.45
CA SER A 58 -3.50 10.44 -2.96
C SER A 58 -2.05 10.00 -2.83
N VAL A 59 -1.11 10.93 -2.96
CA VAL A 59 0.28 10.63 -2.69
C VAL A 59 0.74 11.23 -1.35
N GLN A 60 -0.20 11.70 -0.52
CA GLN A 60 0.13 12.34 0.74
C GLN A 60 -0.16 11.38 1.89
N LYS A 61 0.76 11.35 2.87
CA LYS A 61 0.73 10.22 3.80
C LYS A 61 -0.39 10.32 4.83
N ARG A 62 -0.94 11.51 5.09
CA ARG A 62 -2.09 11.53 5.99
C ARG A 62 -3.25 10.71 5.40
N ALA A 63 -3.47 10.85 4.09
CA ALA A 63 -4.47 10.02 3.41
C ALA A 63 -4.06 8.55 3.39
N ILE A 64 -2.85 8.28 2.85
CA ILE A 64 -2.42 6.89 2.71
C ILE A 64 -2.46 6.18 4.04
N ARG A 65 -2.04 6.85 5.11
CA ARG A 65 -2.03 6.19 6.40
C ARG A 65 -3.45 5.96 6.91
N THR A 66 -4.39 6.86 6.60
CA THR A 66 -5.79 6.53 6.90
C THR A 66 -6.23 5.28 6.17
N LEU A 67 -5.96 5.19 4.87
CA LEU A 67 -6.36 4.01 4.11
C LEU A 67 -5.74 2.74 4.69
N TRP A 68 -4.46 2.81 5.08
CA TRP A 68 -3.80 1.66 5.70
C TRP A 68 -4.53 1.27 6.97
N THR A 69 -4.82 2.23 7.85
CA THR A 69 -5.53 1.91 9.09
C THR A 69 -6.86 1.24 8.79
N VAL A 70 -7.59 1.76 7.80
CA VAL A 70 -8.89 1.16 7.47
C VAL A 70 -8.70 -0.27 7.03
N LEU A 71 -7.82 -0.47 6.05
CA LEU A 71 -7.59 -1.81 5.51
C LEU A 71 -7.22 -2.78 6.61
N ASP A 72 -6.33 -2.34 7.52
CA ASP A 72 -5.98 -3.22 8.63
C ASP A 72 -7.23 -3.59 9.40
N ALA A 73 -7.96 -2.57 9.87
CA ALA A 73 -9.17 -2.77 10.67
C ALA A 73 -10.12 -3.78 10.05
N ILE A 74 -10.25 -3.76 8.71
CA ILE A 74 -11.21 -4.63 8.02
C ILE A 74 -10.54 -5.85 7.38
N ASP A 75 -9.24 -6.05 7.60
CA ASP A 75 -8.53 -7.24 7.13
C ASP A 75 -8.57 -7.39 5.61
N GLN A 76 -8.36 -6.29 4.90
CA GLN A 76 -8.17 -6.40 3.46
C GLN A 76 -6.91 -5.70 3.06
N MET A 77 -5.85 -5.94 3.81
CA MET A 77 -4.53 -5.44 3.46
C MET A 77 -4.02 -5.99 2.14
N TRP A 78 -4.71 -6.94 1.54
CA TRP A 78 -4.25 -7.54 0.31
C TRP A 78 -4.86 -6.89 -0.92
N LEU A 79 -5.63 -5.83 -0.74
CA LEU A 79 -6.32 -5.22 -1.86
C LEU A 79 -5.33 -4.40 -2.68
N PRO A 80 -5.56 -4.33 -3.98
CA PRO A 80 -4.73 -3.43 -4.80
C PRO A 80 -5.00 -1.99 -4.41
N VAL A 81 -3.95 -1.18 -4.43
CA VAL A 81 -4.01 0.22 -4.00
C VAL A 81 -3.36 1.07 -5.08
N VAL A 82 -4.07 2.07 -5.56
CA VAL A 82 -3.54 2.97 -6.57
C VAL A 82 -3.42 4.36 -5.96
N ARG A 83 -2.23 4.93 -6.08
CA ARG A 83 -1.90 6.27 -5.59
C ARG A 83 -1.83 7.22 -6.77
N THR A 84 -2.49 8.38 -6.64
CA THR A 84 -2.45 9.41 -7.68
C THR A 84 -2.36 10.77 -7.02
N TRP A 85 -1.53 11.65 -7.58
CA TRP A 85 -1.50 13.02 -7.08
C TRP A 85 -2.80 13.73 -7.40
N ARG A 86 -3.47 13.33 -8.47
CA ARG A 86 -4.72 13.96 -8.87
C ARG A 86 -5.74 13.96 -7.73
N LEU A 87 -5.54 13.16 -6.68
CA LEU A 87 -6.38 13.18 -5.49
C LEU A 87 -5.78 14.00 -4.36
N ASN A 88 -4.63 14.62 -4.60
CA ASN A 88 -4.00 15.40 -3.55
C ASN A 88 -4.95 16.46 -3.00
N GLU A 89 -4.68 16.88 -1.77
CA GLU A 89 -5.35 18.02 -1.19
C GLU A 89 -5.22 19.23 -2.09
N ARG A 90 -6.10 20.20 -1.89
CA ARG A 90 -5.97 21.45 -2.60
C ARG A 90 -4.61 22.05 -2.30
N HIS A 91 -4.05 22.75 -3.28
CA HIS A 91 -2.75 23.39 -3.14
C HIS A 91 -2.98 24.84 -2.78
N TYR A 92 -2.57 25.23 -1.58
CA TYR A 92 -2.91 26.55 -1.06
C TYR A 92 -1.84 27.57 -1.34
N GLY A 93 -0.87 27.22 -2.18
CA GLY A 93 0.17 28.17 -2.52
C GLY A 93 0.73 28.84 -1.29
N GLY A 94 1.02 30.14 -1.41
CA GLY A 94 1.73 30.87 -0.39
C GLY A 94 1.09 30.85 0.99
N LEU A 95 -0.19 30.45 1.10
CA LEU A 95 -0.78 30.41 2.42
C LEU A 95 -0.38 29.15 3.20
N THR A 96 0.03 28.10 2.49
CA THR A 96 0.36 26.81 3.08
C THR A 96 1.25 26.97 4.29
N GLY A 97 0.77 26.55 5.46
CA GLY A 97 1.54 26.59 6.70
C GLY A 97 1.08 27.65 7.69
N LEU A 98 0.46 28.73 7.20
CA LEU A 98 -0.01 29.81 8.04
C LEU A 98 -1.33 29.46 8.70
N ASN A 99 -1.52 30.02 9.91
CA ASN A 99 -2.79 29.97 10.61
C ASN A 99 -3.65 31.17 10.26
N LYS A 100 -4.93 31.10 10.65
CA LYS A 100 -5.88 32.15 10.25
C LYS A 100 -5.35 33.56 10.55
N ALA A 101 -4.81 33.77 11.76
CA ALA A 101 -4.29 35.09 12.11
C ALA A 101 -3.13 35.48 11.21
N GLU A 102 -2.21 34.55 10.92
CA GLU A 102 -1.06 34.94 10.14
C GLU A 102 -1.47 35.29 8.71
N THR A 103 -2.45 34.56 8.17
CA THR A 103 -2.97 34.88 6.86
C THR A 103 -3.55 36.29 6.84
N ALA A 104 -4.40 36.61 7.83
CA ALA A 104 -4.97 37.97 7.87
C ALA A 104 -3.88 39.04 7.98
N ALA A 105 -2.97 38.88 8.95
CA ALA A 105 -1.84 39.79 9.04
C ALA A 105 -1.16 39.99 7.69
N LYS A 106 -0.89 38.90 6.97
CA LYS A 106 -0.06 39.03 5.77
C LYS A 106 -0.82 39.72 4.64
N HIS A 107 -2.11 39.43 4.48
CA HIS A 107 -2.81 39.78 3.24
C HIS A 107 -4.05 40.65 3.43
N GLY A 108 -4.61 40.73 4.63
CA GLY A 108 -5.72 41.61 4.91
C GLY A 108 -7.06 40.89 4.88
N GLU A 109 -8.00 41.35 5.71
CA GLU A 109 -9.22 40.57 5.87
C GLU A 109 -10.11 40.63 4.64
N ALA A 110 -10.05 41.73 3.87
CA ALA A 110 -10.85 41.82 2.67
C ALA A 110 -10.41 40.77 1.64
N GLN A 111 -9.10 40.70 1.37
CA GLN A 111 -8.58 39.72 0.43
C GLN A 111 -8.84 38.28 0.90
N VAL A 112 -8.52 37.99 2.16
CA VAL A 112 -8.85 36.67 2.71
C VAL A 112 -10.32 36.35 2.52
N LYS A 113 -11.22 37.30 2.76
CA LYS A 113 -12.63 37.00 2.59
C LYS A 113 -12.93 36.67 1.14
N ILE A 114 -12.34 37.44 0.23
CA ILE A 114 -12.56 37.16 -1.18
C ILE A 114 -12.12 35.74 -1.53
N TRP A 115 -10.91 35.35 -1.10
CA TRP A 115 -10.40 33.99 -1.31
C TRP A 115 -11.31 32.94 -0.68
N ARG A 116 -11.74 33.17 0.57
CA ARG A 116 -12.62 32.25 1.27
C ARG A 116 -13.95 32.06 0.55
N ARG A 117 -14.36 33.05 -0.25
CA ARG A 117 -15.67 33.03 -0.90
C ARG A 117 -15.62 32.73 -2.40
N SER A 118 -14.44 32.73 -3.03
CA SER A 118 -14.36 32.46 -4.47
C SER A 118 -14.22 30.98 -4.77
N TYR A 119 -14.71 30.63 -5.95
CA TYR A 119 -14.53 29.31 -6.54
C TYR A 119 -13.40 29.30 -7.54
N ASP A 120 -13.21 30.40 -8.28
CA ASP A 120 -12.27 30.44 -9.38
C ASP A 120 -10.98 31.21 -9.07
N VAL A 121 -10.79 31.73 -7.87
CA VAL A 121 -9.70 32.68 -7.64
C VAL A 121 -8.66 32.05 -6.72
N PRO A 122 -7.42 31.93 -7.16
CA PRO A 122 -6.40 31.18 -6.43
C PRO A 122 -5.80 32.02 -5.34
N PRO A 123 -5.17 31.41 -4.34
CA PRO A 123 -4.31 32.15 -3.44
C PRO A 123 -3.02 32.51 -4.16
N PRO A 124 -2.20 33.39 -3.57
CA PRO A 124 -0.96 33.77 -4.24
C PRO A 124 -0.04 32.57 -4.34
N PRO A 125 0.73 32.47 -5.42
CA PRO A 125 1.59 31.30 -5.62
C PRO A 125 2.58 31.12 -4.48
N MET A 126 3.00 29.87 -4.28
CA MET A 126 4.12 29.59 -3.39
C MET A 126 5.42 30.02 -4.06
N GLU A 127 6.06 31.09 -3.54
CA GLU A 127 7.30 31.66 -4.06
C GLU A 127 8.53 30.99 -3.45
N PRO A 128 9.68 31.10 -4.10
CA PRO A 128 10.88 30.43 -3.56
C PRO A 128 11.19 30.77 -2.11
N ASP A 129 10.87 31.99 -1.67
CA ASP A 129 11.19 32.27 -0.27
C ASP A 129 10.25 31.56 0.70
N HIS A 130 9.28 30.77 0.22
CA HIS A 130 8.38 30.07 1.12
C HIS A 130 9.04 28.82 1.69
N PRO A 131 8.97 28.58 3.01
CA PRO A 131 9.68 27.42 3.60
C PRO A 131 9.27 26.06 3.05
N PHE A 132 8.25 25.96 2.21
CA PHE A 132 7.84 24.69 1.64
C PHE A 132 8.12 24.61 0.13
N TYR A 133 8.69 25.66 -0.47
CA TYR A 133 8.80 25.72 -1.93
C TYR A 133 9.58 24.52 -2.49
N SER A 134 10.84 24.34 -2.07
CA SER A 134 11.59 23.20 -2.59
C SER A 134 11.02 21.88 -2.06
N ASN A 135 10.70 21.83 -0.77
CA ASN A 135 10.13 20.62 -0.15
C ASN A 135 9.06 19.97 -1.01
N ILE A 136 8.17 20.78 -1.59
CA ILE A 136 7.03 20.28 -2.33
C ILE A 136 7.29 20.27 -3.83
N SER A 137 7.94 21.31 -4.35
CA SER A 137 7.97 21.45 -5.80
C SER A 137 9.12 20.65 -6.42
N LYS A 138 10.21 20.47 -5.69
CA LYS A 138 11.27 19.57 -6.11
C LYS A 138 11.12 18.16 -5.52
N ASP A 139 9.94 17.81 -4.99
CA ASP A 139 9.78 16.49 -4.39
C ASP A 139 9.81 15.40 -5.45
N ARG A 140 10.63 14.39 -5.22
CA ARG A 140 10.79 13.30 -6.16
C ARG A 140 9.46 12.87 -6.77
N ARG A 141 8.38 12.90 -5.96
CA ARG A 141 7.15 12.22 -6.35
C ARG A 141 6.38 12.94 -7.45
N TYR A 142 6.78 14.17 -7.80
CA TYR A 142 6.08 14.92 -8.83
C TYR A 142 6.98 15.15 -10.03
N ALA A 143 8.11 14.46 -10.08
CA ALA A 143 9.08 14.70 -11.13
C ALA A 143 8.53 14.39 -12.51
N ASP A 144 7.50 13.55 -12.62
CA ASP A 144 6.93 13.24 -13.92
C ASP A 144 5.87 14.25 -14.36
N LEU A 145 5.53 15.23 -13.53
CA LEU A 145 4.50 16.18 -13.91
C LEU A 145 5.10 17.28 -14.80
N THR A 146 4.43 17.55 -15.92
CA THR A 146 4.80 18.65 -16.80
C THR A 146 4.70 20.00 -16.07
N GLU A 147 5.30 21.02 -16.69
CA GLU A 147 5.35 22.36 -16.11
CA GLU A 147 5.34 22.31 -16.00
C GLU A 147 3.96 22.90 -15.78
N ASP A 148 2.98 22.55 -16.63
CA ASP A 148 1.62 23.05 -16.40
C ASP A 148 0.87 22.29 -15.31
N GLN A 149 1.18 21.00 -15.12
CA GLN A 149 0.41 20.21 -14.16
C GLN A 149 0.79 20.54 -12.73
N LEU A 150 2.07 20.78 -12.48
CA LEU A 150 2.52 21.00 -11.12
C LEU A 150 2.08 22.38 -10.62
N PRO A 151 1.12 22.47 -9.68
CA PRO A 151 0.54 23.78 -9.34
C PRO A 151 1.38 24.50 -8.31
N SER A 152 1.50 25.81 -8.48
CA SER A 152 2.02 26.67 -7.42
C SER A 152 0.91 27.12 -6.46
N CYS A 153 -0.34 26.77 -6.77
CA CYS A 153 -1.51 27.26 -6.08
C CYS A 153 -2.75 26.87 -6.86
N GLU A 154 -3.88 26.63 -6.19
CA GLU A 154 -5.07 26.21 -6.91
C GLU A 154 -6.30 26.92 -6.38
N SER A 155 -7.21 27.25 -7.29
CA SER A 155 -8.57 27.52 -6.89
C SER A 155 -9.30 26.22 -6.67
N LEU A 156 -10.39 26.25 -5.91
CA LEU A 156 -11.22 25.05 -5.81
C LEU A 156 -11.56 24.53 -7.21
N LYS A 157 -11.84 25.43 -8.14
CA LYS A 157 -12.05 25.02 -9.51
C LYS A 157 -10.84 24.25 -10.03
N ASP A 158 -9.62 24.72 -9.76
CA ASP A 158 -8.44 24.02 -10.26
C ASP A 158 -8.30 22.63 -9.65
N THR A 159 -8.46 22.54 -8.33
CA THR A 159 -8.36 21.25 -7.65
C THR A 159 -9.35 20.27 -8.27
N ILE A 160 -10.62 20.68 -8.37
CA ILE A 160 -11.61 19.79 -8.97
C ILE A 160 -11.24 19.44 -10.39
N ALA A 161 -10.73 20.41 -11.16
CA ALA A 161 -10.41 20.16 -12.56
C ALA A 161 -9.38 19.06 -12.70
N ARG A 162 -8.36 19.07 -11.84
CA ARG A 162 -7.36 18.01 -11.96
C ARG A 162 -7.75 16.74 -11.21
N ALA A 163 -8.79 16.77 -10.38
CA ALA A 163 -9.28 15.53 -9.78
C ALA A 163 -10.15 14.74 -10.75
N LEU A 164 -11.16 15.37 -11.33
CA LEU A 164 -12.10 14.65 -12.18
C LEU A 164 -11.48 13.81 -13.29
N PRO A 165 -10.47 14.27 -14.03
CA PRO A 165 -9.87 13.40 -15.08
C PRO A 165 -9.45 12.04 -14.54
N PHE A 166 -8.92 11.98 -13.31
CA PHE A 166 -8.60 10.68 -12.74
C PHE A 166 -9.85 9.89 -12.41
N TRP A 167 -10.86 10.53 -11.84
CA TRP A 167 -12.12 9.84 -11.58
C TRP A 167 -12.65 9.20 -12.86
N ASN A 168 -12.94 10.02 -13.86
CA ASN A 168 -13.42 9.51 -15.15
C ASN A 168 -12.53 8.39 -15.67
N GLU A 169 -11.23 8.64 -15.85
CA GLU A 169 -10.40 7.70 -16.59
C GLU A 169 -10.03 6.44 -15.82
N GLU A 170 -9.91 6.49 -14.49
CA GLU A 170 -9.50 5.32 -13.72
C GLU A 170 -10.61 4.76 -12.86
N ILE A 171 -11.28 5.62 -12.10
CA ILE A 171 -12.13 5.11 -11.05
C ILE A 171 -13.46 4.64 -11.62
N VAL A 172 -14.04 5.43 -12.52
CA VAL A 172 -15.29 5.04 -13.17
C VAL A 172 -15.21 3.66 -13.81
N PRO A 173 -14.25 3.38 -14.68
CA PRO A 173 -14.14 2.03 -15.26
C PRO A 173 -14.26 0.92 -14.23
N GLN A 174 -13.49 1.00 -13.15
CA GLN A 174 -13.56 -0.09 -12.18
C GLN A 174 -14.96 -0.23 -11.59
N ILE A 175 -15.64 0.88 -11.28
CA ILE A 175 -16.99 0.78 -10.73
C ILE A 175 -17.94 0.12 -11.73
N LYS A 176 -17.81 0.49 -13.00
CA LYS A 176 -18.68 -0.07 -14.04
C LYS A 176 -18.49 -1.58 -14.15
N GLU A 177 -17.24 -2.04 -14.13
CA GLU A 177 -16.89 -3.46 -14.06
C GLU A 177 -17.35 -4.09 -12.75
N GLY A 178 -18.15 -3.39 -11.95
CA GLY A 178 -18.68 -4.00 -10.75
C GLY A 178 -17.72 -4.15 -9.58
N LYS A 179 -16.48 -3.68 -9.70
CA LYS A 179 -15.59 -3.68 -8.54
C LYS A 179 -16.09 -2.68 -7.50
N ARG A 180 -15.80 -2.97 -6.24
CA ARG A 180 -16.27 -2.18 -5.11
C ARG A 180 -15.15 -1.25 -4.66
N VAL A 181 -15.26 0.02 -4.99
CA VAL A 181 -14.16 0.94 -4.77
C VAL A 181 -14.22 1.55 -3.38
N LEU A 182 -13.03 1.82 -2.83
CA LEU A 182 -12.83 2.65 -1.65
C LEU A 182 -11.90 3.80 -2.04
N ILE A 183 -12.28 5.02 -1.68
CA ILE A 183 -11.44 6.20 -1.92
C ILE A 183 -11.10 6.83 -0.58
N ALA A 184 -9.80 6.96 -0.30
CA ALA A 184 -9.33 7.72 0.85
C ALA A 184 -8.57 8.93 0.34
N ALA A 185 -9.01 10.13 0.73
CA ALA A 185 -8.38 11.34 0.21
C ALA A 185 -8.66 12.50 1.15
N HIS A 186 -8.80 13.70 0.58
CA HIS A 186 -8.83 14.93 1.35
C HIS A 186 -10.09 15.71 1.03
N GLY A 187 -10.46 16.59 1.96
CA GLY A 187 -11.61 17.45 1.79
C GLY A 187 -11.93 17.98 0.39
N ASN A 188 -10.97 18.63 -0.28
CA ASN A 188 -11.31 19.30 -1.54
C ASN A 188 -11.32 18.32 -2.73
N SER A 189 -10.44 17.33 -2.76
CA SER A 189 -10.55 16.35 -3.84
C SER A 189 -11.85 15.56 -3.71
N LEU A 190 -12.20 15.17 -2.49
CA LEU A 190 -13.48 14.51 -2.30
C LEU A 190 -14.63 15.44 -2.64
N ARG A 191 -14.49 16.74 -2.34
CA ARG A 191 -15.47 17.72 -2.81
C ARG A 191 -15.70 17.57 -4.31
N GLY A 192 -14.63 17.58 -5.09
CA GLY A 192 -14.79 17.50 -6.54
C GLY A 192 -15.53 16.24 -6.98
N ILE A 193 -15.16 15.10 -6.39
CA ILE A 193 -15.90 13.88 -6.70
C ILE A 193 -17.39 14.07 -6.40
N VAL A 194 -17.72 14.49 -5.18
CA VAL A 194 -19.11 14.67 -4.80
C VAL A 194 -19.82 15.63 -5.74
N LYS A 195 -19.16 16.71 -6.16
CA LYS A 195 -19.80 17.67 -7.04
C LYS A 195 -20.18 17.02 -8.35
N HIS A 196 -19.27 16.26 -8.95
CA HIS A 196 -19.63 15.63 -10.22
C HIS A 196 -20.71 14.58 -9.99
N LEU A 197 -20.77 13.99 -8.80
CA LEU A 197 -21.78 12.99 -8.49
C LEU A 197 -23.18 13.60 -8.40
N GLU A 198 -23.38 14.45 -7.40
CA GLU A 198 -24.67 15.07 -7.11
C GLU A 198 -24.96 16.29 -7.99
N GLY A 199 -24.19 16.49 -9.06
CA GLY A 199 -24.31 17.65 -9.92
C GLY A 199 -24.52 18.96 -9.19
N LEU A 200 -23.76 19.22 -8.12
CA LEU A 200 -24.02 20.40 -7.31
C LEU A 200 -23.46 21.67 -7.98
N SER A 201 -23.97 22.81 -7.52
CA SER A 201 -23.51 24.12 -7.95
C SER A 201 -22.22 24.49 -7.23
N GLU A 202 -21.44 25.37 -7.88
CA GLU A 202 -20.25 25.94 -7.25
C GLU A 202 -20.56 26.38 -5.82
N GLU A 203 -21.56 27.23 -5.65
CA GLU A 203 -21.89 27.73 -4.32
C GLU A 203 -22.24 26.58 -3.38
N ALA A 204 -22.97 25.59 -3.91
CA ALA A 204 -23.35 24.44 -3.11
C ALA A 204 -22.12 23.67 -2.63
N ILE A 205 -21.18 23.40 -3.54
CA ILE A 205 -20.01 22.62 -3.15
C ILE A 205 -19.14 23.41 -2.17
N MET A 206 -18.97 24.73 -2.39
CA MET A 206 -18.26 25.51 -1.38
C MET A 206 -18.94 25.45 -0.03
N GLU A 207 -20.26 25.20 -0.02
CA GLU A 207 -20.94 25.10 1.26
C GLU A 207 -20.77 23.73 1.92
N LEU A 208 -20.40 22.69 1.15
CA LEU A 208 -20.33 21.34 1.69
C LEU A 208 -19.02 21.11 2.43
N ASN A 209 -19.10 20.50 3.62
CA ASN A 209 -17.88 20.19 4.38
C ASN A 209 -17.99 18.78 4.94
N LEU A 210 -17.29 17.84 4.27
CA LEU A 210 -17.44 16.42 4.57
C LEU A 210 -16.78 16.09 5.91
N PRO A 211 -17.37 15.20 6.69
CA PRO A 211 -16.78 14.88 8.00
C PRO A 211 -15.53 14.04 7.84
N THR A 212 -14.68 14.05 8.86
CA THR A 212 -13.37 13.38 8.76
C THR A 212 -13.44 12.00 9.40
N GLY A 213 -12.62 11.08 8.87
CA GLY A 213 -12.51 9.75 9.47
C GLY A 213 -13.83 9.03 9.64
N ILE A 214 -14.74 9.24 8.70
CA ILE A 214 -16.07 8.62 8.75
C ILE A 214 -16.40 8.03 7.39
N PRO A 215 -16.75 6.75 7.31
CA PRO A 215 -17.18 6.20 6.02
C PRO A 215 -18.37 6.99 5.47
N ILE A 216 -18.23 7.41 4.21
CA ILE A 216 -19.32 8.04 3.48
C ILE A 216 -19.76 7.09 2.37
N VAL A 217 -20.98 6.59 2.47
CA VAL A 217 -21.48 5.54 1.57
C VAL A 217 -22.42 6.16 0.54
N TYR A 218 -22.10 5.94 -0.74
CA TYR A 218 -22.94 6.32 -1.87
C TYR A 218 -23.49 5.05 -2.52
N GLU A 219 -24.77 5.07 -2.89
CA GLU A 219 -25.42 3.98 -3.62
C GLU A 219 -25.81 4.49 -5.01
N LEU A 220 -25.32 3.83 -6.05
CA LEU A 220 -25.42 4.37 -7.40
C LEU A 220 -26.17 3.44 -8.36
N ASP A 221 -26.77 4.05 -9.40
CA ASP A 221 -27.46 3.35 -10.48
C ASP A 221 -26.49 3.06 -11.62
N LYS A 222 -27.02 2.63 -12.76
CA LYS A 222 -26.20 2.13 -13.85
C LYS A 222 -25.47 3.23 -14.63
N ASN A 223 -25.86 4.50 -14.46
CA ASN A 223 -25.14 5.61 -15.06
C ASN A 223 -24.32 6.38 -14.03
N LEU A 224 -24.23 5.87 -12.82
CA LEU A 224 -23.45 6.43 -11.71
C LEU A 224 -24.15 7.64 -11.09
N LYS A 225 -25.46 7.73 -11.24
CA LYS A 225 -26.06 8.77 -10.42
C LYS A 225 -26.45 8.18 -9.06
N PRO A 226 -26.32 8.96 -7.98
CA PRO A 226 -26.80 8.48 -6.67
C PRO A 226 -28.30 8.26 -6.68
N ILE A 227 -28.72 7.14 -6.09
CA ILE A 227 -30.14 6.81 -5.92
C ILE A 227 -30.66 7.29 -4.57
N LYS A 228 -29.86 8.01 -3.82
CA LYS A 228 -30.28 8.56 -2.54
C LYS A 228 -29.13 9.36 -1.93
N PRO A 229 -29.38 10.12 -0.86
CA PRO A 229 -28.32 10.99 -0.34
C PRO A 229 -27.19 10.19 0.27
N MET A 230 -26.06 10.86 0.45
CA MET A 230 -24.92 10.21 1.06
C MET A 230 -25.24 9.82 2.49
N GLN A 231 -24.88 8.58 2.87
CA GLN A 231 -25.11 8.04 4.21
C GLN A 231 -23.77 7.80 4.89
N PHE A 232 -23.70 8.09 6.18
CA PHE A 232 -22.49 7.93 6.99
C PHE A 232 -22.57 6.62 7.77
N LEU A 233 -21.53 6.34 8.57
CA LEU A 233 -21.33 5.00 9.13
C LEU A 233 -20.73 5.05 10.52
N GLY A 234 -21.44 4.46 11.50
CA GLY A 234 -21.00 4.42 12.88
C GLY A 234 -22.11 4.16 13.89
N ASP A 235 -22.28 5.07 14.85
CA ASP A 235 -23.35 5.03 15.84
C ASP A 235 -24.29 6.27 15.74
N ALA B 2 27.45 0.14 -10.43
CA ALA B 2 26.85 -0.73 -11.44
C ALA B 2 25.52 -0.19 -11.98
N ALA B 3 24.95 -0.90 -12.95
CA ALA B 3 23.81 -0.40 -13.70
C ALA B 3 22.55 -0.29 -12.84
N TYR B 4 22.26 -1.34 -12.09
CA TYR B 4 20.99 -1.50 -11.40
C TYR B 4 21.23 -1.89 -9.95
N LYS B 5 20.20 -1.66 -9.14
CA LYS B 5 20.23 -2.04 -7.73
C LYS B 5 18.89 -2.67 -7.39
N LEU B 6 18.93 -3.82 -6.73
CA LEU B 6 17.71 -4.51 -6.32
C LEU B 6 17.78 -4.74 -4.81
N VAL B 7 16.66 -4.58 -4.11
CA VAL B 7 16.63 -4.84 -2.67
C VAL B 7 15.48 -5.74 -2.32
N LEU B 8 15.79 -6.82 -1.61
CA LEU B 8 14.83 -7.75 -1.06
C LEU B 8 14.79 -7.60 0.45
N ILE B 9 13.67 -7.97 1.04
CA ILE B 9 13.54 -8.06 2.49
C ILE B 9 12.62 -9.21 2.80
N ARG B 10 13.00 -10.00 3.78
CA ARG B 10 12.23 -11.14 4.21
C ARG B 10 11.60 -10.78 5.52
N HIS B 11 10.28 -10.95 5.59
CA HIS B 11 9.56 -10.68 6.81
C HIS B 11 10.05 -11.58 7.94
N GLY B 12 9.84 -11.12 9.16
CA GLY B 12 10.31 -11.79 10.34
C GLY B 12 9.19 -12.39 11.13
N GLU B 13 9.45 -12.63 12.42
CA GLU B 13 8.63 -13.55 13.20
C GLU B 13 7.13 -13.29 13.03
N SER B 14 6.38 -14.36 12.85
CA SER B 14 4.93 -14.24 12.81
C SER B 14 4.32 -14.73 14.12
N ALA B 15 3.01 -14.48 14.25
CA ALA B 15 2.26 -15.04 15.37
C ALA B 15 2.40 -16.56 15.43
N TRP B 16 2.36 -17.22 14.27
CA TRP B 16 2.39 -18.67 14.25
C TRP B 16 3.79 -19.24 14.41
N ASN B 17 4.82 -18.48 14.02
CA ASN B 17 6.18 -18.87 14.42
C ASN B 17 6.26 -18.97 15.93
N LEU B 18 5.64 -18.01 16.63
CA LEU B 18 5.58 -18.10 18.09
C LEU B 18 5.03 -19.45 18.53
N GLU B 19 3.90 -19.86 17.94
CA GLU B 19 3.29 -21.15 18.25
C GLU B 19 3.97 -22.32 17.53
N ASN B 20 5.12 -22.06 16.89
CA ASN B 20 5.67 -22.87 15.79
C ASN B 20 4.62 -23.78 15.14
N ARG B 21 3.63 -23.16 14.51
CA ARG B 21 2.73 -23.83 13.60
C ARG B 21 3.17 -23.54 12.15
N PHE B 22 2.79 -24.42 11.26
CA PHE B 22 3.04 -24.20 9.84
C PHE B 22 2.10 -23.13 9.32
N SER B 23 2.65 -22.03 8.81
CA SER B 23 1.83 -20.96 8.25
C SER B 23 1.49 -21.19 6.78
N GLY B 24 2.49 -21.26 5.92
CA GLY B 24 2.21 -21.32 4.50
C GLY B 24 1.30 -20.18 4.07
N TRP B 25 0.19 -20.53 3.43
CA TRP B 25 -0.75 -19.56 2.91
C TRP B 25 -1.75 -19.09 3.96
N TYR B 26 -1.71 -19.65 5.17
CA TYR B 26 -2.42 -18.98 6.25
C TYR B 26 -1.87 -17.56 6.42
N ASP B 27 -2.77 -16.61 6.65
CA ASP B 27 -2.46 -15.19 6.59
C ASP B 27 -2.13 -14.63 7.99
N ALA B 28 -1.11 -15.21 8.61
CA ALA B 28 -0.76 -14.79 9.96
C ALA B 28 -0.02 -13.47 9.96
N ASP B 29 -0.26 -12.66 10.99
CA ASP B 29 0.38 -11.35 11.18
C ASP B 29 1.74 -11.54 11.85
N LEU B 30 2.50 -10.44 11.91
CA LEU B 30 3.77 -10.47 12.63
C LEU B 30 3.52 -10.47 14.13
N SER B 31 4.44 -11.10 14.86
CA SER B 31 4.54 -10.85 16.29
C SER B 31 5.01 -9.41 16.48
N PRO B 32 4.86 -8.87 17.69
CA PRO B 32 5.55 -7.61 17.99
C PRO B 32 7.01 -7.63 17.57
N ALA B 33 7.73 -8.72 17.87
CA ALA B 33 9.14 -8.78 17.56
C ALA B 33 9.39 -8.71 16.05
N GLY B 34 8.56 -9.37 15.25
CA GLY B 34 8.75 -9.29 13.80
C GLY B 34 8.53 -7.89 13.27
N HIS B 35 7.49 -7.22 13.76
CA HIS B 35 7.27 -5.81 13.46
C HIS B 35 8.51 -4.99 13.82
N GLU B 36 9.01 -5.11 15.05
CA GLU B 36 10.22 -4.38 15.44
C GLU B 36 11.37 -4.68 14.48
N GLU B 37 11.50 -5.94 14.06
CA GLU B 37 12.51 -6.29 13.06
C GLU B 37 12.34 -5.40 11.85
N ALA B 38 11.12 -5.29 11.34
CA ALA B 38 10.92 -4.50 10.14
C ALA B 38 11.31 -3.05 10.37
N LYS B 39 10.99 -2.51 11.56
CA LYS B 39 11.41 -1.15 11.89
C LYS B 39 12.93 -1.03 11.80
N ARG B 40 13.65 -2.06 12.22
CA ARG B 40 15.11 -1.99 12.11
C ARG B 40 15.54 -2.07 10.65
N GLY B 41 14.93 -2.96 9.86
CA GLY B 41 15.25 -3.01 8.45
C GLY B 41 15.06 -1.67 7.78
N GLY B 42 13.96 -0.99 8.12
CA GLY B 42 13.68 0.30 7.50
C GLY B 42 14.60 1.40 8.00
N GLN B 43 14.93 1.38 9.28
CA GLN B 43 15.88 2.38 9.78
C GLN B 43 17.22 2.20 9.06
N ALA B 44 17.62 0.96 8.80
CA ALA B 44 18.83 0.73 8.01
C ALA B 44 18.70 1.37 6.63
N LEU B 45 17.71 0.92 5.88
CA LEU B 45 17.46 1.48 4.55
C LEU B 45 17.54 3.01 4.59
N ARG B 46 16.92 3.61 5.60
CA ARG B 46 16.98 5.07 5.77
C ARG B 46 18.42 5.55 5.89
N ASP B 47 19.15 5.06 6.91
CA ASP B 47 20.51 5.56 7.13
C ASP B 47 21.34 5.49 5.86
N ALA B 48 21.15 4.44 5.06
CA ALA B 48 21.92 4.34 3.81
C ALA B 48 21.49 5.37 2.76
N GLY B 49 20.26 5.90 2.84
CA GLY B 49 19.77 6.84 1.85
C GLY B 49 19.07 6.22 0.65
N TYR B 50 18.54 5.01 0.77
CA TYR B 50 17.96 4.31 -0.37
C TYR B 50 16.69 4.97 -0.87
N GLU B 51 16.50 4.94 -2.18
CA GLU B 51 15.28 5.42 -2.81
C GLU B 51 14.73 4.36 -3.74
N PHE B 52 13.41 4.32 -3.87
CA PHE B 52 12.76 3.32 -4.70
C PHE B 52 11.75 4.01 -5.60
N ASP B 53 11.30 3.26 -6.61
CA ASP B 53 10.28 3.72 -7.54
C ASP B 53 9.07 2.82 -7.55
N ILE B 54 9.23 1.54 -7.20
CA ILE B 54 8.10 0.62 -7.16
C ILE B 54 8.45 -0.50 -6.20
N CYS B 55 7.40 -1.08 -5.59
CA CYS B 55 7.55 -2.15 -4.59
C CYS B 55 6.64 -3.33 -4.94
N PHE B 56 7.08 -4.52 -4.54
CA PHE B 56 6.36 -5.75 -4.82
C PHE B 56 6.26 -6.56 -3.54
N THR B 57 5.16 -7.30 -3.44
CA THR B 57 4.93 -8.10 -2.25
C THR B 57 3.79 -9.06 -2.53
N SER B 58 3.57 -9.97 -1.59
CA SER B 58 2.54 -10.99 -1.71
C SER B 58 1.17 -10.40 -1.40
N VAL B 59 0.20 -11.26 -1.15
CA VAL B 59 -1.08 -10.80 -0.65
C VAL B 59 -1.29 -11.35 0.75
N GLN B 60 -0.19 -11.50 1.47
CA GLN B 60 -0.21 -11.97 2.85
C GLN B 60 0.28 -10.85 3.76
N LYS B 61 -0.47 -10.58 4.83
CA LYS B 61 -0.24 -9.36 5.58
C LYS B 61 1.13 -9.31 6.25
N ARG B 62 1.82 -10.43 6.48
CA ARG B 62 3.10 -10.28 7.16
C ARG B 62 4.14 -9.66 6.22
N ALA B 63 4.12 -10.04 4.94
CA ALA B 63 4.87 -9.31 3.93
C ALA B 63 4.39 -7.87 3.84
N ILE B 64 3.10 -7.68 3.53
CA ILE B 64 2.57 -6.34 3.30
C ILE B 64 2.91 -5.41 4.47
N ARG B 65 2.74 -5.89 5.69
CA ARG B 65 3.02 -5.02 6.84
C ARG B 65 4.50 -4.72 6.93
N THR B 66 5.35 -5.70 6.62
CA THR B 66 6.77 -5.41 6.55
C THR B 66 7.05 -4.30 5.54
N LEU B 67 6.49 -4.44 4.32
CA LEU B 67 6.59 -3.40 3.30
C LEU B 67 6.14 -2.04 3.85
N TRP B 68 4.97 -2.01 4.46
CA TRP B 68 4.43 -0.76 4.99
C TRP B 68 5.42 -0.13 5.95
N THR B 69 5.89 -0.93 6.91
CA THR B 69 6.79 -0.41 7.92
C THR B 69 8.04 0.17 7.30
N VAL B 70 8.61 -0.54 6.31
CA VAL B 70 9.79 -0.04 5.62
C VAL B 70 9.50 1.30 4.94
N LEU B 71 8.34 1.38 4.27
CA LEU B 71 8.03 2.58 3.52
C LEU B 71 7.85 3.77 4.45
N ASP B 72 7.29 3.51 5.64
CA ASP B 72 7.17 4.53 6.67
C ASP B 72 8.55 5.02 7.09
N ALA B 73 9.44 4.08 7.40
CA ALA B 73 10.72 4.50 7.94
C ALA B 73 11.49 5.33 6.92
N ILE B 74 11.31 5.05 5.62
CA ILE B 74 12.07 5.78 4.59
C ILE B 74 11.31 6.97 4.01
N ASP B 75 10.07 7.21 4.43
CA ASP B 75 9.34 8.37 3.90
C ASP B 75 9.11 8.22 2.39
N GLN B 76 8.83 7.00 1.94
CA GLN B 76 8.37 6.74 0.59
C GLN B 76 7.02 6.01 0.60
N MET B 77 6.14 6.38 1.53
CA MET B 77 4.81 5.80 1.56
C MET B 77 4.05 6.07 0.28
N TRP B 78 4.48 7.05 -0.50
CA TRP B 78 3.76 7.39 -1.72
C TRP B 78 4.00 6.42 -2.87
N LEU B 79 4.89 5.44 -2.71
CA LEU B 79 5.35 4.70 -3.87
C LEU B 79 4.23 3.80 -4.38
N PRO B 80 4.25 3.49 -5.67
CA PRO B 80 3.37 2.44 -6.16
C PRO B 80 3.73 1.12 -5.48
N VAL B 81 2.70 0.31 -5.22
CA VAL B 81 2.84 -0.99 -4.56
C VAL B 81 1.99 -1.99 -5.33
N VAL B 82 2.60 -3.12 -5.68
CA VAL B 82 1.94 -4.21 -6.42
C VAL B 82 1.97 -5.46 -5.56
N ARG B 83 0.79 -6.06 -5.35
CA ARG B 83 0.61 -7.29 -4.57
C ARG B 83 0.32 -8.46 -5.51
N THR B 84 0.95 -9.61 -5.25
CA THR B 84 0.68 -10.79 -6.08
C THR B 84 0.77 -12.07 -5.26
N TRP B 85 -0.18 -12.98 -5.48
CA TRP B 85 -0.12 -14.29 -4.83
C TRP B 85 1.15 -15.05 -5.23
N ARG B 86 1.66 -14.80 -6.43
CA ARG B 86 2.87 -15.45 -6.89
C ARG B 86 4.07 -15.19 -5.98
N LEU B 87 4.00 -14.21 -5.08
CA LEU B 87 5.08 -14.01 -4.11
C LEU B 87 4.75 -14.62 -2.76
N ASN B 88 3.62 -15.29 -2.65
CA ASN B 88 3.21 -15.87 -1.37
C ASN B 88 4.26 -16.83 -0.86
N GLU B 89 4.23 -17.05 0.45
CA GLU B 89 5.00 -18.13 1.03
C GLU B 89 4.61 -19.44 0.37
N ARG B 90 5.50 -20.41 0.49
CA ARG B 90 5.23 -21.73 -0.02
C ARG B 90 4.00 -22.31 0.67
N HIS B 91 3.12 -22.92 -0.12
CA HIS B 91 1.93 -23.59 0.41
C HIS B 91 2.32 -24.93 1.05
N TYR B 92 2.14 -25.07 2.36
CA TYR B 92 2.49 -26.30 3.06
C TYR B 92 1.36 -27.34 3.07
N GLY B 93 0.31 -27.12 2.29
CA GLY B 93 -0.73 -28.13 2.21
C GLY B 93 -1.30 -28.49 3.57
N GLY B 94 -1.56 -29.77 3.77
CA GLY B 94 -2.27 -30.22 4.95
C GLY B 94 -1.47 -30.06 6.23
N LEU B 95 -0.18 -29.75 6.13
CA LEU B 95 0.57 -29.39 7.32
C LEU B 95 0.11 -28.07 7.93
N THR B 96 -0.65 -27.25 7.19
CA THR B 96 -1.06 -25.95 7.71
C THR B 96 -1.78 -26.09 9.05
N GLY B 97 -1.43 -25.20 9.98
CA GLY B 97 -2.00 -25.23 11.31
C GLY B 97 -1.42 -26.25 12.28
N LEU B 98 -0.64 -27.21 11.81
CA LEU B 98 0.00 -28.14 12.72
C LEU B 98 1.30 -27.56 13.26
N ASN B 99 1.69 -27.99 14.46
CA ASN B 99 2.97 -27.58 14.99
C ASN B 99 3.98 -28.72 14.86
N LYS B 100 5.22 -28.46 15.31
CA LYS B 100 6.27 -29.48 15.21
C LYS B 100 5.80 -30.79 15.82
N ALA B 101 5.28 -30.73 17.05
CA ALA B 101 4.80 -31.93 17.72
C ALA B 101 3.73 -32.62 16.90
N GLU B 102 2.74 -31.89 16.40
CA GLU B 102 1.66 -32.54 15.66
C GLU B 102 2.18 -33.17 14.37
N THR B 103 3.09 -32.48 13.67
CA THR B 103 3.68 -33.02 12.45
C THR B 103 4.42 -34.31 12.74
N ALA B 104 5.31 -34.28 13.72
CA ALA B 104 6.09 -35.47 14.02
C ALA B 104 5.18 -36.60 14.48
N ALA B 105 4.26 -36.31 15.40
CA ALA B 105 3.36 -37.34 15.91
C ALA B 105 2.58 -37.98 14.78
N LYS B 106 2.15 -37.20 13.79
CA LYS B 106 1.30 -37.81 12.78
C LYS B 106 2.08 -38.49 11.67
N HIS B 107 3.36 -38.13 11.46
CA HIS B 107 4.04 -38.52 10.23
C HIS B 107 5.35 -39.26 10.43
N GLY B 108 5.95 -39.18 11.61
CA GLY B 108 7.15 -39.92 11.92
C GLY B 108 8.40 -39.23 11.42
N GLU B 109 9.53 -39.60 12.03
CA GLU B 109 10.79 -38.94 11.65
C GLU B 109 11.09 -39.13 10.17
N ALA B 110 10.87 -40.34 9.66
CA ALA B 110 11.25 -40.61 8.28
C ALA B 110 10.57 -39.63 7.33
N GLN B 111 9.24 -39.56 7.38
CA GLN B 111 8.49 -38.73 6.44
C GLN B 111 8.92 -37.27 6.52
N VAL B 112 9.02 -36.72 7.74
CA VAL B 112 9.36 -35.31 7.88
C VAL B 112 10.78 -35.06 7.38
N LYS B 113 11.70 -36.00 7.60
CA LYS B 113 13.04 -35.82 7.07
C LYS B 113 13.03 -35.80 5.55
N ILE B 114 12.23 -36.68 4.94
CA ILE B 114 12.11 -36.66 3.48
C ILE B 114 11.59 -35.32 3.02
N TRP B 115 10.51 -34.82 3.65
CA TRP B 115 9.91 -33.55 3.23
C TRP B 115 10.88 -32.40 3.41
N ARG B 116 11.68 -32.43 4.48
CA ARG B 116 12.63 -31.35 4.76
C ARG B 116 13.76 -31.32 3.74
N ARG B 117 14.37 -32.47 3.47
CA ARG B 117 15.58 -32.55 2.66
C ARG B 117 15.28 -32.71 1.17
N SER B 118 14.04 -32.60 0.76
CA SER B 118 13.67 -32.82 -0.64
C SER B 118 13.36 -31.50 -1.32
N TYR B 119 13.55 -31.48 -2.65
CA TYR B 119 13.29 -30.31 -3.47
C TYR B 119 11.96 -30.39 -4.23
N ASP B 120 11.45 -31.60 -4.52
CA ASP B 120 10.19 -31.68 -5.27
C ASP B 120 9.22 -32.73 -4.72
N VAL B 121 9.32 -33.08 -3.45
CA VAL B 121 8.29 -33.89 -2.80
C VAL B 121 7.35 -32.94 -2.04
N PRO B 122 6.12 -32.78 -2.48
CA PRO B 122 5.19 -31.91 -1.77
C PRO B 122 4.69 -32.60 -0.51
N PRO B 123 4.25 -31.85 0.49
CA PRO B 123 3.54 -32.45 1.62
C PRO B 123 2.12 -32.83 1.21
N PRO B 124 1.38 -33.51 2.08
CA PRO B 124 0.04 -33.94 1.74
C PRO B 124 -0.79 -32.79 1.21
N PRO B 125 -1.76 -33.05 0.35
CA PRO B 125 -2.69 -31.99 -0.05
C PRO B 125 -3.54 -31.53 1.13
N MET B 126 -3.95 -30.26 1.06
CA MET B 126 -4.95 -29.71 1.98
C MET B 126 -6.32 -30.13 1.46
N GLU B 127 -6.96 -31.10 2.13
CA GLU B 127 -8.23 -31.59 1.62
C GLU B 127 -9.39 -30.77 2.16
N PRO B 128 -10.57 -30.89 1.54
CA PRO B 128 -11.72 -30.06 1.96
C PRO B 128 -12.12 -30.18 3.42
N ASP B 129 -11.77 -31.23 4.15
CA ASP B 129 -12.12 -31.28 5.56
C ASP B 129 -11.06 -30.67 6.47
N HIS B 130 -9.97 -30.12 5.92
CA HIS B 130 -8.92 -29.50 6.73
C HIS B 130 -9.45 -28.26 7.44
N PRO B 131 -9.10 -28.04 8.72
CA PRO B 131 -9.68 -26.92 9.45
C PRO B 131 -9.47 -25.56 8.77
N PHE B 132 -8.43 -25.38 7.94
CA PHE B 132 -8.15 -24.10 7.29
C PHE B 132 -8.42 -24.11 5.79
N TYR B 133 -9.23 -25.06 5.29
CA TYR B 133 -9.42 -25.14 3.84
C TYR B 133 -10.29 -24.01 3.31
N SER B 134 -11.42 -23.72 3.97
CA SER B 134 -12.20 -22.54 3.56
C SER B 134 -11.40 -21.28 3.76
N ASN B 135 -10.80 -21.12 4.93
CA ASN B 135 -9.98 -19.97 5.26
C ASN B 135 -9.02 -19.58 4.13
N ILE B 136 -8.44 -20.55 3.43
CA ILE B 136 -7.42 -20.28 2.41
C ILE B 136 -7.96 -20.50 1.01
N SER B 137 -8.36 -21.73 0.69
CA SER B 137 -8.80 -22.05 -0.67
C SER B 137 -10.06 -21.29 -1.04
N LYS B 138 -10.94 -21.03 -0.09
CA LYS B 138 -12.13 -20.25 -0.39
C LYS B 138 -11.92 -18.74 -0.18
N ASP B 139 -10.76 -18.29 0.29
CA ASP B 139 -10.54 -16.86 0.49
C ASP B 139 -10.76 -16.12 -0.81
N ARG B 140 -11.54 -15.04 -0.75
CA ARG B 140 -11.94 -14.38 -1.99
C ARG B 140 -10.77 -13.77 -2.73
N ARG B 141 -9.57 -13.73 -2.14
CA ARG B 141 -8.45 -13.09 -2.82
C ARG B 141 -7.83 -13.94 -3.92
N TYR B 142 -8.17 -15.22 -4.02
CA TYR B 142 -7.67 -16.04 -5.12
C TYR B 142 -8.77 -16.36 -6.12
N ALA B 143 -9.87 -15.59 -6.11
CA ALA B 143 -11.02 -15.88 -6.95
C ALA B 143 -10.65 -15.88 -8.44
N ASP B 144 -9.79 -14.95 -8.87
CA ASP B 144 -9.34 -14.92 -10.26
C ASP B 144 -8.25 -15.97 -10.57
N LEU B 145 -8.17 -17.06 -9.82
CA LEU B 145 -7.14 -18.08 -10.06
C LEU B 145 -7.74 -19.26 -10.80
N THR B 146 -7.07 -19.67 -11.88
CA THR B 146 -7.44 -20.92 -12.53
C THR B 146 -7.26 -22.08 -11.55
N GLU B 147 -8.13 -23.09 -11.72
CA GLU B 147 -8.07 -24.27 -10.86
C GLU B 147 -6.65 -24.85 -10.81
N ASP B 148 -5.91 -24.78 -11.92
CA ASP B 148 -4.53 -25.28 -11.97
C ASP B 148 -3.52 -24.33 -11.34
N GLN B 149 -3.95 -23.16 -10.87
CA GLN B 149 -3.02 -22.21 -10.26
C GLN B 149 -3.10 -22.25 -8.75
N LEU B 150 -4.27 -22.53 -8.22
CA LEU B 150 -4.51 -22.59 -6.78
C LEU B 150 -3.91 -23.88 -6.22
N PRO B 151 -2.74 -23.81 -5.57
CA PRO B 151 -2.15 -25.04 -5.05
C PRO B 151 -2.94 -25.60 -3.87
N SER B 152 -3.02 -26.92 -3.81
CA SER B 152 -3.36 -27.64 -2.60
C SER B 152 -2.13 -27.87 -1.72
N CYS B 153 -0.93 -27.86 -2.31
CA CYS B 153 0.32 -28.04 -1.60
C CYS B 153 1.44 -27.76 -2.58
N GLU B 154 2.64 -27.56 -2.06
CA GLU B 154 3.75 -27.13 -2.88
C GLU B 154 5.03 -27.81 -2.44
N SER B 155 5.77 -28.36 -3.40
CA SER B 155 7.19 -28.54 -3.18
C SER B 155 7.86 -27.17 -3.21
N LEU B 156 9.12 -27.13 -2.80
CA LEU B 156 9.87 -25.89 -3.04
C LEU B 156 9.93 -25.61 -4.54
N LYS B 157 10.03 -26.67 -5.34
CA LYS B 157 10.02 -26.55 -6.79
C LYS B 157 8.74 -25.88 -7.26
N ASP B 158 7.59 -26.36 -6.82
CA ASP B 158 6.34 -25.72 -7.20
C ASP B 158 6.38 -24.24 -6.91
N THR B 159 6.83 -23.90 -5.69
CA THR B 159 6.82 -22.51 -5.24
C THR B 159 7.62 -21.64 -6.17
N ILE B 160 8.87 -22.04 -6.41
CA ILE B 160 9.70 -21.29 -7.34
C ILE B 160 9.07 -21.26 -8.72
N ALA B 161 8.45 -22.36 -9.14
CA ALA B 161 7.89 -22.41 -10.48
C ALA B 161 6.78 -21.38 -10.66
N ARG B 162 5.97 -21.16 -9.64
CA ARG B 162 4.94 -20.12 -9.78
C ARG B 162 5.45 -18.73 -9.38
N ALA B 163 6.57 -18.64 -8.66
CA ALA B 163 7.13 -17.33 -8.38
C ALA B 163 7.78 -16.75 -9.61
N LEU B 164 8.63 -17.52 -10.28
CA LEU B 164 9.47 -16.96 -11.34
C LEU B 164 8.67 -16.35 -12.47
N PRO B 165 7.51 -16.87 -12.89
CA PRO B 165 6.74 -16.17 -13.91
C PRO B 165 6.51 -14.70 -13.58
N PHE B 166 6.09 -14.37 -12.35
CA PHE B 166 5.94 -12.97 -11.98
C PHE B 166 7.24 -12.20 -12.15
N TRP B 167 8.34 -12.73 -11.59
CA TRP B 167 9.62 -12.04 -11.71
C TRP B 167 9.87 -11.69 -13.16
N ASN B 168 10.04 -12.72 -13.99
CA ASN B 168 10.29 -12.56 -15.42
C ASN B 168 9.38 -11.50 -16.04
N GLU B 169 8.08 -11.64 -15.85
CA GLU B 169 7.13 -10.91 -16.68
C GLU B 169 6.81 -9.52 -16.16
N GLU B 170 7.00 -9.27 -14.86
CA GLU B 170 6.56 -8.01 -14.25
C GLU B 170 7.66 -7.27 -13.54
N ILE B 171 8.57 -7.96 -12.87
CA ILE B 171 9.60 -7.20 -12.17
C ILE B 171 10.73 -6.84 -13.14
N VAL B 172 11.18 -7.80 -13.94
CA VAL B 172 12.33 -7.58 -14.83
C VAL B 172 12.12 -6.32 -15.66
N PRO B 173 11.02 -6.25 -16.47
CA PRO B 173 10.71 -5.04 -17.24
C PRO B 173 11.00 -3.76 -16.49
N GLN B 174 10.44 -3.67 -15.28
CA GLN B 174 10.58 -2.45 -14.49
C GLN B 174 12.02 -2.22 -14.05
N ILE B 175 12.81 -3.27 -13.82
CA ILE B 175 14.20 -3.04 -13.48
C ILE B 175 14.95 -2.47 -14.66
N LYS B 176 14.68 -3.01 -15.86
CA LYS B 176 15.33 -2.58 -17.09
C LYS B 176 14.81 -1.25 -17.56
N GLU B 177 13.68 -0.82 -17.03
CA GLU B 177 13.16 0.53 -17.22
C GLU B 177 13.89 1.58 -16.37
N GLY B 178 14.80 1.18 -15.49
CA GLY B 178 15.46 2.09 -14.60
C GLY B 178 14.81 2.21 -13.23
N LYS B 179 13.75 1.44 -12.97
CA LYS B 179 12.99 1.60 -11.74
C LYS B 179 13.65 0.82 -10.64
N ARG B 180 14.15 1.53 -9.63
CA ARG B 180 14.73 0.88 -8.47
C ARG B 180 13.65 0.10 -7.70
N VAL B 181 13.81 -1.22 -7.64
CA VAL B 181 12.79 -2.11 -7.09
C VAL B 181 13.07 -2.45 -5.63
N LEU B 182 12.00 -2.64 -4.86
CA LEU B 182 12.08 -3.15 -3.50
C LEU B 182 11.06 -4.27 -3.36
N ILE B 183 11.51 -5.46 -2.99
CA ILE B 183 10.64 -6.61 -2.86
C ILE B 183 10.52 -7.01 -1.39
N ALA B 184 9.29 -7.11 -0.92
CA ALA B 184 8.98 -7.57 0.44
C ALA B 184 8.18 -8.84 0.32
N ALA B 185 8.79 -9.96 0.72
CA ALA B 185 8.13 -11.25 0.55
C ALA B 185 8.62 -12.26 1.57
N HIS B 186 8.61 -13.53 1.17
CA HIS B 186 8.76 -14.65 2.07
C HIS B 186 10.00 -15.45 1.72
N GLY B 187 10.46 -16.26 2.68
CA GLY B 187 11.67 -17.04 2.47
C GLY B 187 11.67 -17.84 1.19
N ASN B 188 10.59 -18.57 0.92
CA ASN B 188 10.66 -19.48 -0.20
C ASN B 188 10.50 -18.77 -1.55
N SER B 189 9.59 -17.79 -1.65
CA SER B 189 9.50 -17.03 -2.89
C SER B 189 10.79 -16.26 -3.16
N LEU B 190 11.32 -15.62 -2.12
CA LEU B 190 12.61 -14.96 -2.31
C LEU B 190 13.67 -15.98 -2.71
N ARG B 191 13.58 -17.19 -2.17
CA ARG B 191 14.49 -18.23 -2.61
C ARG B 191 14.44 -18.38 -4.11
N GLY B 192 13.22 -18.44 -4.66
CA GLY B 192 13.10 -18.59 -6.11
C GLY B 192 13.83 -17.47 -6.85
N ILE B 193 13.62 -16.23 -6.39
CA ILE B 193 14.28 -15.11 -7.06
C ILE B 193 15.80 -15.22 -6.95
N VAL B 194 16.30 -15.50 -5.74
CA VAL B 194 17.74 -15.62 -5.54
C VAL B 194 18.31 -16.73 -6.41
N LYS B 195 17.62 -17.87 -6.48
CA LYS B 195 18.07 -18.97 -7.32
C LYS B 195 18.24 -18.50 -8.76
N HIS B 196 17.22 -17.84 -9.32
CA HIS B 196 17.34 -17.39 -10.71
C HIS B 196 18.50 -16.41 -10.87
N LEU B 197 18.57 -15.41 -9.99
CA LEU B 197 19.63 -14.41 -10.09
C LEU B 197 21.02 -15.04 -10.06
N GLU B 198 21.20 -16.10 -9.27
CA GLU B 198 22.54 -16.63 -9.05
C GLU B 198 22.80 -17.96 -9.76
N GLY B 199 21.79 -18.52 -10.43
CA GLY B 199 21.96 -19.80 -11.09
C GLY B 199 22.29 -20.96 -10.17
N LEU B 200 21.80 -20.92 -8.93
CA LEU B 200 22.17 -21.90 -7.91
C LEU B 200 21.53 -23.28 -8.16
N SER B 201 22.26 -24.32 -7.78
CA SER B 201 21.74 -25.68 -7.82
C SER B 201 20.67 -25.89 -6.75
N GLU B 202 19.77 -26.85 -7.00
CA GLU B 202 18.75 -27.19 -6.02
C GLU B 202 19.37 -27.43 -4.64
N GLU B 203 20.52 -28.10 -4.60
CA GLU B 203 21.24 -28.29 -3.34
C GLU B 203 21.50 -26.96 -2.64
N ALA B 204 22.20 -26.05 -3.33
CA ALA B 204 22.62 -24.80 -2.70
C ALA B 204 21.41 -23.97 -2.24
N ILE B 205 20.38 -23.89 -3.09
CA ILE B 205 19.21 -23.10 -2.72
C ILE B 205 18.57 -23.65 -1.45
N MET B 206 18.41 -24.97 -1.36
CA MET B 206 17.82 -25.52 -0.13
C MET B 206 18.70 -25.29 1.09
N GLU B 207 20.01 -25.23 0.91
CA GLU B 207 20.83 -24.92 2.07
C GLU B 207 20.81 -23.45 2.45
N LEU B 208 20.26 -22.57 1.60
CA LEU B 208 20.34 -21.11 1.82
C LEU B 208 19.19 -20.62 2.69
N ASN B 209 19.52 -19.90 3.76
CA ASN B 209 18.53 -19.40 4.72
C ASN B 209 18.70 -17.89 4.87
N LEU B 210 17.76 -17.12 4.24
CA LEU B 210 17.88 -15.67 4.15
C LEU B 210 17.51 -15.03 5.49
N PRO B 211 18.29 -14.06 5.96
CA PRO B 211 17.93 -13.38 7.21
C PRO B 211 16.62 -12.62 7.11
N THR B 212 15.92 -12.54 8.25
CA THR B 212 14.67 -11.81 8.30
C THR B 212 14.90 -10.32 8.56
N GLY B 213 14.04 -9.50 7.98
CA GLY B 213 14.05 -8.08 8.29
C GLY B 213 15.37 -7.40 8.07
N ILE B 214 16.19 -7.92 7.17
CA ILE B 214 17.46 -7.30 6.84
C ILE B 214 17.43 -7.01 5.34
N PRO B 215 17.60 -5.77 4.92
CA PRO B 215 17.70 -5.49 3.48
C PRO B 215 18.78 -6.33 2.84
N ILE B 216 18.43 -7.09 1.81
CA ILE B 216 19.37 -7.84 1.00
C ILE B 216 19.54 -7.05 -0.31
N VAL B 217 20.74 -6.50 -0.54
CA VAL B 217 21.02 -5.70 -1.74
C VAL B 217 21.71 -6.55 -2.81
N TYR B 218 21.29 -6.36 -4.07
CA TYR B 218 21.95 -6.90 -5.25
C TYR B 218 22.41 -5.75 -6.14
N GLU B 219 23.65 -5.82 -6.61
CA GLU B 219 24.14 -4.89 -7.63
C GLU B 219 24.16 -5.63 -8.97
N LEU B 220 23.50 -5.08 -9.98
CA LEU B 220 23.21 -5.86 -11.18
C LEU B 220 23.67 -5.16 -12.46
N ASP B 221 24.23 -5.93 -13.40
CA ASP B 221 24.55 -5.39 -14.71
C ASP B 221 23.30 -5.34 -15.59
N LYS B 222 23.47 -4.86 -16.83
CA LYS B 222 22.31 -4.61 -17.69
C LYS B 222 21.52 -5.89 -17.97
N ASN B 223 22.13 -7.07 -17.80
CA ASN B 223 21.49 -8.34 -18.07
C ASN B 223 20.97 -9.02 -16.79
N LEU B 224 20.91 -8.27 -15.68
CA LEU B 224 20.32 -8.74 -14.43
C LEU B 224 21.11 -9.91 -13.86
N LYS B 225 22.44 -9.84 -14.05
CA LYS B 225 23.39 -10.81 -13.52
C LYS B 225 24.08 -10.22 -12.31
N PRO B 226 24.00 -10.84 -11.15
CA PRO B 226 24.68 -10.27 -9.97
C PRO B 226 26.15 -10.04 -10.27
N ILE B 227 26.64 -8.85 -9.90
CA ILE B 227 28.05 -8.52 -10.09
C ILE B 227 28.84 -8.73 -8.82
N LYS B 228 28.21 -9.23 -7.79
CA LYS B 228 28.89 -9.48 -6.52
C LYS B 228 27.91 -10.09 -5.53
N PRO B 229 28.40 -10.68 -4.44
CA PRO B 229 27.51 -11.47 -3.59
C PRO B 229 26.62 -10.56 -2.77
N MET B 230 25.38 -11.01 -2.56
CA MET B 230 24.38 -10.20 -1.86
C MET B 230 25.00 -9.51 -0.64
N GLN B 231 24.53 -8.31 -0.32
CA GLN B 231 24.97 -7.56 0.85
C GLN B 231 23.80 -7.37 1.81
N PHE B 232 24.11 -7.39 3.11
CA PHE B 232 23.13 -7.19 4.16
C PHE B 232 23.30 -5.77 4.72
N LEU B 233 22.20 -5.04 4.85
CA LEU B 233 22.27 -3.65 5.29
C LEU B 233 22.00 -3.57 6.78
N GLY B 234 22.72 -2.70 7.46
CA GLY B 234 22.52 -2.57 8.89
C GLY B 234 23.82 -2.21 9.59
N ASP B 235 23.71 -2.04 10.90
CA ASP B 235 24.87 -1.77 11.72
C ASP B 235 25.81 -2.98 11.73
N GLU B 236 27.06 -2.72 12.09
CA GLU B 236 28.14 -3.72 12.01
C GLU B 236 27.70 -5.11 12.46
N GLU B 237 27.16 -5.22 13.69
CA GLU B 237 26.90 -6.53 14.26
C GLU B 237 25.93 -7.34 13.39
N THR B 238 24.73 -6.79 13.16
CA THR B 238 23.69 -7.46 12.39
C THR B 238 24.10 -7.64 10.92
#